data_3Q9L
#
_entry.id   3Q9L
#
_cell.length_a   83.664
_cell.length_b   86.595
_cell.length_c   110.714
_cell.angle_alpha   90.000
_cell.angle_beta   90.000
_cell.angle_gamma   90.000
#
_symmetry.space_group_name_H-M   'P 21 21 21'
#
loop_
_entity.id
_entity.type
_entity.pdbx_description
1 polymer 'Septum site-determining protein minD'
2 non-polymer 'MAGNESIUM ION'
3 non-polymer "ADENOSINE-5'-TRIPHOSPHATE"
4 water water
#
_entity_poly.entity_id   1
_entity_poly.type   'polypeptide(L)'
_entity_poly.pdbx_seq_one_letter_code
;MARIIVVTSGKGGVGKTTSSAAIATGLAQKGKKTVVIDFAIGLRNLDLIMGCERRVVYDFVNVIQGDATLNQALIKDKRT
ENLYILPASQTRDKDALTREGVAKVLDDLKAMDFEFIVCDSPAGIETGALMALYFADEAIITTNPEVSSVRDSDRILGIL
ASKSRRAENGEEPIKEHLLLTRYNPGRVSRGDMLSMEDVLEILRIKLVGVIPEDQSVLRASNQGEPVILDINADAGKAYA
DTVERLLGEERPFRFIEEEK
;
_entity_poly.pdbx_strand_id   A,B
#
loop_
_chem_comp.id
_chem_comp.type
_chem_comp.name
_chem_comp.formula
ATP non-polymer ADENOSINE-5'-TRIPHOSPHATE 'C10 H16 N5 O13 P3'
MG non-polymer 'MAGNESIUM ION' 'Mg 2'
#
# COMPACT_ATOMS: atom_id res chain seq x y z
N ALA A 2 -7.41 -26.70 5.65
CA ALA A 2 -8.80 -26.67 5.18
C ALA A 2 -9.31 -25.23 5.02
N ARG A 3 -9.06 -24.38 6.01
CA ARG A 3 -9.46 -22.98 5.88
C ARG A 3 -8.33 -22.08 5.33
N ILE A 4 -8.39 -21.81 4.03
CA ILE A 4 -7.43 -20.91 3.39
C ILE A 4 -7.98 -19.50 3.46
N ILE A 5 -7.30 -18.66 4.24
CA ILE A 5 -7.78 -17.30 4.47
C ILE A 5 -6.82 -16.24 3.93
N VAL A 6 -7.28 -15.49 2.93
CA VAL A 6 -6.46 -14.40 2.39
C VAL A 6 -6.65 -13.12 3.20
N VAL A 7 -5.55 -12.44 3.49
CA VAL A 7 -5.62 -11.13 4.13
C VAL A 7 -5.37 -10.06 3.08
N THR A 8 -6.42 -9.34 2.75
CA THR A 8 -6.42 -8.49 1.59
C THR A 8 -6.95 -7.11 1.95
N SER A 9 -7.01 -6.20 0.96
CA SER A 9 -7.43 -4.82 1.23
C SER A 9 -7.57 -3.94 -0.02
N GLY A 10 -6.81 -4.26 -1.07
CA GLY A 10 -6.65 -3.33 -2.17
C GLY A 10 -5.81 -2.12 -1.79
N LYS A 11 -6.34 -1.29 -0.89
CA LYS A 11 -5.65 -0.09 -0.44
C LYS A 11 -4.32 -0.48 0.18
N GLY A 12 -3.26 0.25 -0.14
CA GLY A 12 -1.96 -0.07 0.44
C GLY A 12 -1.82 0.37 1.89
N GLY A 13 -0.90 -0.27 2.60
CA GLY A 13 -0.52 0.12 3.96
C GLY A 13 -1.60 0.17 5.04
N VAL A 14 -2.66 -0.62 4.92
CA VAL A 14 -3.71 -0.62 5.95
C VAL A 14 -3.41 -1.53 7.13
N GLY A 15 -2.48 -2.47 6.94
CA GLY A 15 -2.07 -3.39 8.00
C GLY A 15 -2.25 -4.89 7.69
N LYS A 16 -2.17 -5.27 6.41
CA LYS A 16 -2.41 -6.67 6.05
C LYS A 16 -1.39 -7.61 6.72
N THR A 17 -0.13 -7.22 6.66
CA THR A 17 0.95 -8.07 7.14
C THR A 17 0.95 -8.13 8.66
N THR A 18 0.66 -6.99 9.28
CA THR A 18 0.53 -6.92 10.72
C THR A 18 -0.52 -7.93 11.12
N SER A 19 -1.65 -7.88 10.42
CA SER A 19 -2.80 -8.70 10.74
C SER A 19 -2.53 -10.17 10.44
N SER A 20 -1.88 -10.43 9.31
CA SER A 20 -1.54 -11.81 8.93
C SER A 20 -0.69 -12.46 9.99
N ALA A 21 0.37 -11.74 10.42
CA ALA A 21 1.28 -12.29 11.43
C ALA A 21 0.50 -12.54 12.72
N ALA A 22 -0.26 -11.55 13.16
CA ALA A 22 -0.94 -11.63 14.46
C ALA A 22 -1.96 -12.73 14.41
N ILE A 23 -2.73 -12.80 13.33
CA ILE A 23 -3.84 -13.76 13.28
C ILE A 23 -3.31 -15.19 13.17
N ALA A 24 -2.36 -15.39 12.27
CA ALA A 24 -1.74 -16.69 12.13
C ALA A 24 -1.16 -17.17 13.47
N THR A 25 -0.65 -16.25 14.28
CA THR A 25 0.00 -16.64 15.53
C THR A 25 -1.08 -17.00 16.55
N GLY A 26 -2.15 -16.23 16.58
CA GLY A 26 -3.28 -16.53 17.45
C GLY A 26 -3.87 -17.91 17.17
N LEU A 27 -4.08 -18.22 15.90
CA LEU A 27 -4.60 -19.53 15.52
C LEU A 27 -3.70 -20.64 16.05
N ALA A 28 -2.41 -20.53 15.74
CA ALA A 28 -1.47 -21.51 16.21
C ALA A 28 -1.47 -21.61 17.74
N GLN A 29 -1.67 -20.48 18.43
CA GLN A 29 -1.66 -20.50 19.89
C GLN A 29 -2.86 -21.24 20.46
N LYS A 30 -3.90 -21.36 19.65
CA LYS A 30 -5.10 -22.07 19.98
C LYS A 30 -4.98 -23.55 19.57
N GLY A 31 -3.78 -23.96 19.18
CA GLY A 31 -3.53 -25.36 18.84
C GLY A 31 -3.77 -25.74 17.40
N LYS A 32 -4.22 -24.77 16.60
CA LYS A 32 -4.51 -25.02 15.20
C LYS A 32 -3.22 -24.94 14.37
N LYS A 33 -2.87 -26.04 13.72
CA LYS A 33 -1.67 -26.07 12.90
C LYS A 33 -1.83 -25.06 11.76
N THR A 34 -0.91 -24.10 11.68
CA THR A 34 -1.08 -22.94 10.81
C THR A 34 0.16 -22.59 9.99
N VAL A 35 -0.03 -22.27 8.73
CA VAL A 35 1.07 -21.71 7.95
C VAL A 35 0.61 -20.36 7.47
N VAL A 36 1.51 -19.39 7.53
CA VAL A 36 1.22 -18.07 7.00
C VAL A 36 2.15 -17.85 5.82
N ILE A 37 1.60 -17.45 4.68
CA ILE A 37 2.38 -17.39 3.45
C ILE A 37 2.55 -15.95 2.95
N ASP A 38 3.78 -15.57 2.63
CA ASP A 38 4.02 -14.28 2.00
C ASP A 38 3.75 -14.30 0.49
N PHE A 39 2.64 -13.71 0.07
CA PHE A 39 2.32 -13.63 -1.35
C PHE A 39 2.88 -12.38 -1.96
N ALA A 40 3.50 -11.54 -1.13
CA ALA A 40 3.94 -10.24 -1.58
C ALA A 40 5.29 -10.34 -2.24
N ILE A 41 5.31 -11.06 -3.36
CA ILE A 41 6.54 -11.23 -4.10
C ILE A 41 6.93 -9.95 -4.83
N GLY A 42 8.25 -9.83 -4.87
CA GLY A 42 9.07 -8.68 -4.96
C GLY A 42 9.43 -7.97 -3.67
N LEU A 43 8.41 -7.60 -2.89
CA LEU A 43 8.62 -6.74 -1.74
C LEU A 43 8.28 -7.48 -0.45
N ARG A 44 9.07 -8.50 -0.13
CA ARG A 44 8.73 -9.37 0.99
C ARG A 44 8.81 -8.64 2.32
N ASN A 45 7.91 -9.01 3.22
CA ASN A 45 7.80 -8.31 4.49
C ASN A 45 7.39 -9.22 5.65
N LEU A 46 6.68 -10.31 5.34
CA LEU A 46 6.16 -11.22 6.39
C LEU A 46 7.29 -11.72 7.30
N ASP A 47 8.40 -12.16 6.68
CA ASP A 47 9.53 -12.71 7.42
C ASP A 47 10.17 -11.69 8.36
N LEU A 48 10.10 -10.41 8.00
CA LEU A 48 10.57 -9.35 8.88
C LEU A 48 9.61 -9.21 10.09
N ILE A 49 8.31 -9.19 9.81
CA ILE A 49 7.30 -9.04 10.89
C ILE A 49 7.30 -10.22 11.86
N MET A 50 7.48 -11.44 11.36
CA MET A 50 7.49 -12.61 12.24
C MET A 50 8.85 -12.79 12.87
N GLY A 51 9.81 -11.94 12.46
CA GLY A 51 11.17 -12.00 12.97
C GLY A 51 11.94 -13.29 12.69
N CYS A 52 11.77 -13.86 11.50
CA CYS A 52 12.46 -15.11 11.15
C CYS A 52 13.36 -14.91 9.95
N GLU A 53 13.58 -13.63 9.62
CA GLU A 53 14.41 -13.21 8.50
C GLU A 53 15.70 -14.00 8.30
N ARG A 54 16.49 -14.11 9.35
CA ARG A 54 17.75 -14.82 9.16
C ARG A 54 17.65 -16.33 9.05
N ARG A 55 16.43 -16.87 9.02
CA ARG A 55 16.28 -18.29 8.79
C ARG A 55 15.72 -18.59 7.40
N VAL A 56 15.43 -17.54 6.66
CA VAL A 56 14.99 -17.68 5.28
C VAL A 56 16.08 -18.35 4.42
N VAL A 57 15.79 -19.58 3.98
CA VAL A 57 16.68 -20.35 3.13
C VAL A 57 16.13 -20.42 1.70
N TYR A 58 14.89 -20.89 1.61
CA TYR A 58 14.20 -21.04 0.32
C TYR A 58 12.82 -20.39 0.39
N ASP A 59 12.26 -20.05 -0.77
CA ASP A 59 10.99 -19.35 -0.76
C ASP A 59 9.90 -19.94 -1.64
N PHE A 60 8.78 -19.25 -1.65
CA PHE A 60 7.55 -19.68 -2.31
C PHE A 60 7.85 -20.01 -3.76
N VAL A 61 8.64 -19.16 -4.40
CA VAL A 61 9.02 -19.40 -5.79
C VAL A 61 9.97 -20.58 -5.93
N ASN A 62 10.99 -20.66 -5.09
CA ASN A 62 11.90 -21.80 -5.14
C ASN A 62 11.11 -23.10 -5.09
N VAL A 63 10.05 -23.14 -4.30
CA VAL A 63 9.29 -24.37 -4.17
C VAL A 63 8.53 -24.63 -5.45
N ILE A 64 7.83 -23.61 -5.95
CA ILE A 64 7.07 -23.74 -7.17
C ILE A 64 7.95 -24.28 -8.28
N GLN A 65 9.16 -23.74 -8.35
CA GLN A 65 10.10 -24.05 -9.43
C GLN A 65 10.90 -25.34 -9.24
N GLY A 66 10.56 -26.13 -8.22
CA GLY A 66 11.24 -27.39 -7.97
C GLY A 66 12.65 -27.27 -7.41
N ASP A 67 13.06 -26.05 -7.06
CA ASP A 67 14.39 -25.83 -6.49
C ASP A 67 14.49 -26.16 -4.99
N ALA A 68 13.34 -26.39 -4.36
CA ALA A 68 13.28 -26.72 -2.94
C ALA A 68 11.93 -27.30 -2.64
N THR A 69 11.86 -28.12 -1.62
CA THR A 69 10.59 -28.64 -1.14
C THR A 69 10.03 -27.71 -0.06
N LEU A 70 8.78 -27.94 0.33
CA LEU A 70 8.20 -27.24 1.45
C LEU A 70 9.05 -27.44 2.70
N ASN A 71 9.43 -28.69 2.95
CA ASN A 71 10.25 -29.02 4.11
C ASN A 71 11.52 -28.17 4.19
N GLN A 72 12.08 -27.85 3.04
CA GLN A 72 13.24 -26.99 3.01
C GLN A 72 12.87 -25.51 3.15
N ALA A 73 11.72 -25.13 2.62
CA ALA A 73 11.34 -23.72 2.56
C ALA A 73 10.56 -23.21 3.78
N LEU A 74 9.66 -24.03 4.31
CA LEU A 74 8.90 -23.68 5.50
C LEU A 74 9.83 -23.35 6.66
N ILE A 75 9.58 -22.22 7.30
CA ILE A 75 10.33 -21.87 8.49
C ILE A 75 9.46 -22.12 9.71
N LYS A 76 10.00 -22.83 10.67
CA LYS A 76 9.24 -23.09 11.87
C LYS A 76 9.29 -21.84 12.72
N ASP A 77 8.14 -21.38 13.20
CA ASP A 77 8.10 -20.16 13.97
C ASP A 77 8.95 -20.26 15.23
N LYS A 78 9.50 -19.11 15.62
CA LYS A 78 10.42 -19.02 16.72
C LYS A 78 9.74 -19.19 18.09
N ARG A 79 8.49 -18.73 18.22
CA ARG A 79 7.84 -18.62 19.53
C ARG A 79 6.61 -19.51 19.74
N THR A 80 5.94 -19.87 18.66
CA THR A 80 4.64 -20.51 18.80
C THR A 80 4.58 -21.85 18.11
N GLU A 81 4.28 -22.91 18.87
CA GLU A 81 4.11 -24.24 18.30
C GLU A 81 3.07 -24.29 17.17
N ASN A 82 3.17 -25.31 16.33
CA ASN A 82 2.27 -25.48 15.18
C ASN A 82 2.12 -24.27 14.25
N LEU A 83 3.11 -23.39 14.24
CA LEU A 83 3.08 -22.25 13.32
C LEU A 83 4.24 -22.32 12.35
N TYR A 84 3.96 -22.14 11.08
CA TYR A 84 5.01 -22.13 10.08
C TYR A 84 4.92 -20.94 9.16
N ILE A 85 6.03 -20.59 8.55
CA ILE A 85 6.07 -19.42 7.71
C ILE A 85 6.63 -19.83 6.36
N LEU A 86 5.95 -19.42 5.29
CA LEU A 86 6.45 -19.65 3.94
C LEU A 86 6.77 -18.29 3.33
N PRO A 87 8.06 -17.93 3.33
CA PRO A 87 8.48 -16.57 2.95
C PRO A 87 8.40 -16.35 1.45
N ALA A 88 8.34 -15.09 1.04
CA ALA A 88 8.24 -14.75 -0.38
C ALA A 88 9.62 -14.62 -0.99
N SER A 89 9.69 -14.72 -2.32
CA SER A 89 10.94 -14.57 -3.03
C SER A 89 11.24 -13.09 -3.19
N GLN A 90 12.50 -12.72 -3.12
CA GLN A 90 12.89 -11.34 -3.37
C GLN A 90 12.86 -11.08 -4.86
N THR A 91 12.71 -12.14 -5.65
CA THR A 91 12.71 -11.97 -7.09
C THR A 91 11.46 -11.22 -7.47
N ARG A 92 11.58 -10.47 -8.53
CA ARG A 92 10.41 -9.85 -9.06
C ARG A 92 10.14 -10.52 -10.39
N ASP A 93 8.90 -10.87 -10.57
CA ASP A 93 8.55 -11.64 -11.70
C ASP A 93 7.12 -11.97 -11.46
N LYS A 94 6.26 -11.29 -12.21
CA LYS A 94 4.82 -11.36 -12.01
C LYS A 94 4.30 -12.78 -12.14
N ASP A 95 4.85 -13.50 -13.11
CA ASP A 95 4.44 -14.86 -13.40
C ASP A 95 5.12 -15.84 -12.43
N ALA A 96 6.16 -15.39 -11.75
CA ALA A 96 6.91 -16.25 -10.84
C ALA A 96 5.97 -17.19 -10.10
N LEU A 97 4.91 -16.63 -9.53
CA LEU A 97 3.87 -17.46 -8.92
C LEU A 97 2.85 -17.82 -9.98
N THR A 98 2.68 -19.11 -10.22
CA THR A 98 1.69 -19.57 -11.19
C THR A 98 0.50 -20.13 -10.47
N ARG A 99 -0.67 -20.07 -11.11
CA ARG A 99 -1.88 -20.68 -10.55
C ARG A 99 -1.64 -22.16 -10.29
N GLU A 100 -0.96 -22.80 -11.23
CA GLU A 100 -0.71 -24.23 -11.12
C GLU A 100 0.21 -24.51 -9.94
N GLY A 101 1.31 -23.79 -9.89
CA GLY A 101 2.26 -23.91 -8.79
C GLY A 101 1.60 -23.62 -7.46
N VAL A 102 1.03 -22.42 -7.33
CA VAL A 102 0.34 -22.04 -6.10
C VAL A 102 -0.63 -23.14 -5.66
N ALA A 103 -1.51 -23.56 -6.57
CA ALA A 103 -2.53 -24.56 -6.29
C ALA A 103 -1.89 -25.83 -5.71
N LYS A 104 -0.76 -26.22 -6.28
CA LYS A 104 -0.06 -27.42 -5.84
C LYS A 104 0.50 -27.26 -4.42
N VAL A 105 1.15 -26.13 -4.18
CA VAL A 105 1.62 -25.80 -2.84
C VAL A 105 0.48 -25.91 -1.82
N LEU A 106 -0.64 -25.27 -2.12
CA LEU A 106 -1.79 -25.34 -1.22
C LEU A 106 -2.26 -26.79 -0.96
N ASP A 107 -2.24 -27.62 -2.00
CA ASP A 107 -2.60 -29.02 -1.86
C ASP A 107 -1.62 -29.74 -0.94
N ASP A 108 -0.34 -29.48 -1.16
CA ASP A 108 0.73 -30.07 -0.34
C ASP A 108 0.65 -29.68 1.13
N LEU A 109 0.28 -28.44 1.42
CA LEU A 109 0.18 -27.96 2.79
C LEU A 109 -1.02 -28.60 3.46
N LYS A 110 -2.13 -28.66 2.72
CA LYS A 110 -3.30 -29.37 3.21
C LYS A 110 -2.85 -30.77 3.56
N ALA A 111 -1.95 -31.32 2.75
CA ALA A 111 -1.48 -32.69 2.93
C ALA A 111 -0.62 -32.85 4.18
N MET A 112 -0.01 -31.75 4.63
CA MET A 112 0.74 -31.73 5.88
C MET A 112 -0.20 -31.45 7.04
N ASP A 113 -1.49 -31.46 6.74
CA ASP A 113 -2.54 -31.34 7.77
C ASP A 113 -2.58 -29.96 8.42
N PHE A 114 -2.18 -28.94 7.66
CA PHE A 114 -2.39 -27.59 8.12
C PHE A 114 -3.88 -27.30 8.18
N GLU A 115 -4.36 -26.83 9.33
CA GLU A 115 -5.77 -26.46 9.46
C GLU A 115 -6.00 -25.09 8.84
N PHE A 116 -5.01 -24.22 8.98
CA PHE A 116 -5.16 -22.84 8.54
C PHE A 116 -4.00 -22.43 7.66
N ILE A 117 -4.32 -21.81 6.55
CA ILE A 117 -3.31 -21.32 5.61
C ILE A 117 -3.62 -19.85 5.38
N VAL A 118 -2.87 -19.01 6.07
CA VAL A 118 -3.11 -17.57 6.03
C VAL A 118 -2.25 -16.95 4.92
N CYS A 119 -2.89 -16.27 3.98
CA CYS A 119 -2.20 -15.73 2.82
C CYS A 119 -2.11 -14.21 2.92
N ASP A 120 -0.89 -13.71 3.10
CA ASP A 120 -0.67 -12.28 3.26
C ASP A 120 -0.59 -11.63 1.88
N SER A 121 -1.64 -10.89 1.50
CA SER A 121 -1.70 -10.34 0.15
C SER A 121 -0.91 -9.04 -0.02
N PRO A 122 -0.38 -8.83 -1.22
CA PRO A 122 0.13 -7.51 -1.58
C PRO A 122 -1.01 -6.51 -1.72
N ALA A 123 -0.69 -5.23 -1.77
CA ALA A 123 -1.70 -4.21 -2.02
C ALA A 123 -2.16 -4.28 -3.48
N GLY A 124 -3.19 -3.51 -3.81
CA GLY A 124 -3.61 -3.44 -5.19
C GLY A 124 -4.59 -4.53 -5.57
N ILE A 125 -4.99 -4.52 -6.83
CA ILE A 125 -5.86 -5.54 -7.38
C ILE A 125 -5.29 -6.03 -8.69
N GLU A 126 -3.98 -5.89 -8.83
CA GLU A 126 -3.25 -6.49 -9.94
C GLU A 126 -3.04 -7.98 -9.65
N THR A 127 -2.22 -8.61 -10.46
CA THR A 127 -2.13 -10.06 -10.40
C THR A 127 -1.59 -10.55 -9.06
N GLY A 128 -0.71 -9.78 -8.45
CA GLY A 128 -0.19 -10.14 -7.14
C GLY A 128 -1.29 -10.41 -6.13
N ALA A 129 -2.22 -9.46 -5.99
CA ALA A 129 -3.29 -9.62 -5.03
C ALA A 129 -4.33 -10.64 -5.50
N LEU A 130 -4.49 -10.74 -6.82
CA LEU A 130 -5.47 -11.69 -7.39
C LEU A 130 -5.03 -13.12 -7.11
N MET A 131 -3.74 -13.38 -7.29
CA MET A 131 -3.16 -14.66 -6.97
C MET A 131 -3.42 -14.99 -5.50
N ALA A 132 -3.24 -13.99 -4.63
CA ALA A 132 -3.34 -14.22 -3.20
C ALA A 132 -4.74 -14.62 -2.78
N LEU A 133 -5.75 -14.17 -3.52
CA LEU A 133 -7.15 -14.39 -3.11
C LEU A 133 -7.83 -15.46 -3.95
N TYR A 134 -7.20 -15.79 -5.08
CA TYR A 134 -7.78 -16.72 -6.04
C TYR A 134 -8.27 -18.05 -5.43
N PHE A 135 -7.40 -18.70 -4.66
CA PHE A 135 -7.73 -19.97 -4.05
C PHE A 135 -8.32 -19.84 -2.64
N ALA A 136 -8.59 -18.61 -2.23
CA ALA A 136 -9.09 -18.39 -0.87
C ALA A 136 -10.42 -19.11 -0.63
N ASP A 137 -10.63 -19.57 0.60
CA ASP A 137 -11.96 -20.00 1.02
C ASP A 137 -12.62 -18.84 1.75
N GLU A 138 -11.80 -18.06 2.46
CA GLU A 138 -12.28 -16.93 3.24
C GLU A 138 -11.38 -15.74 2.99
N ALA A 139 -11.86 -14.56 3.33
CA ALA A 139 -11.12 -13.36 3.08
C ALA A 139 -11.28 -12.42 4.24
N ILE A 140 -10.17 -11.86 4.69
CA ILE A 140 -10.19 -10.86 5.72
C ILE A 140 -9.91 -9.52 5.05
N ILE A 141 -10.95 -8.71 4.97
CA ILE A 141 -10.86 -7.41 4.32
C ILE A 141 -10.33 -6.39 5.32
N THR A 142 -9.07 -6.05 5.18
CA THR A 142 -8.40 -5.18 6.15
C THR A 142 -8.64 -3.71 5.79
N THR A 143 -9.28 -3.00 6.71
CA THR A 143 -9.80 -1.69 6.37
C THR A 143 -9.56 -0.65 7.45
N ASN A 144 -8.95 0.47 7.06
CA ASN A 144 -8.81 1.62 7.93
C ASN A 144 -10.10 2.38 7.80
N PRO A 145 -10.57 2.99 8.89
CA PRO A 145 -11.86 3.68 8.89
C PRO A 145 -11.77 5.01 8.17
N GLU A 146 -11.26 4.97 6.93
CA GLU A 146 -11.14 6.18 6.11
C GLU A 146 -11.79 5.93 4.75
N VAL A 147 -12.38 6.97 4.17
CA VAL A 147 -13.04 6.83 2.86
C VAL A 147 -12.30 5.99 1.79
N SER A 148 -11.04 6.28 1.51
CA SER A 148 -10.30 5.54 0.50
C SER A 148 -10.08 4.07 0.83
N SER A 149 -9.53 3.78 2.01
CA SER A 149 -9.44 2.38 2.43
C SER A 149 -10.80 1.72 2.28
N VAL A 150 -11.82 2.42 2.71
CA VAL A 150 -13.13 1.82 2.74
C VAL A 150 -13.66 1.59 1.31
N ARG A 151 -13.34 2.50 0.39
CA ARG A 151 -13.78 2.37 -0.99
C ARG A 151 -13.09 1.21 -1.62
N ASP A 152 -11.77 1.16 -1.43
CA ASP A 152 -10.96 0.09 -1.98
C ASP A 152 -11.39 -1.28 -1.44
N SER A 153 -11.74 -1.33 -0.16
CA SER A 153 -12.25 -2.57 0.41
C SER A 153 -13.53 -3.02 -0.30
N ASP A 154 -14.41 -2.08 -0.57
CA ASP A 154 -15.65 -2.35 -1.30
C ASP A 154 -15.35 -2.94 -2.66
N ARG A 155 -14.38 -2.36 -3.33
CA ARG A 155 -13.96 -2.87 -4.62
C ARG A 155 -13.40 -4.28 -4.52
N ILE A 156 -12.66 -4.54 -3.45
CA ILE A 156 -12.06 -5.85 -3.23
C ILE A 156 -13.17 -6.88 -3.13
N LEU A 157 -14.27 -6.50 -2.49
CA LEU A 157 -15.40 -7.41 -2.36
C LEU A 157 -15.94 -7.78 -3.73
N GLY A 158 -16.10 -6.79 -4.60
CA GLY A 158 -16.49 -7.07 -5.97
C GLY A 158 -15.60 -8.12 -6.60
N ILE A 159 -14.29 -7.91 -6.51
CA ILE A 159 -13.33 -8.86 -7.06
C ILE A 159 -13.42 -10.26 -6.42
N LEU A 160 -13.72 -10.31 -5.12
CA LEU A 160 -13.83 -11.59 -4.44
C LEU A 160 -14.97 -12.41 -5.02
N ALA A 161 -15.99 -11.69 -5.50
CA ALA A 161 -17.24 -12.31 -5.92
C ALA A 161 -17.29 -12.54 -7.43
N SER A 162 -16.15 -12.39 -8.09
CA SER A 162 -16.13 -12.54 -9.54
C SER A 162 -14.85 -13.17 -10.08
N LYS A 163 -13.73 -12.99 -9.39
CA LYS A 163 -12.45 -13.41 -9.96
C LYS A 163 -11.68 -14.40 -9.10
N SER A 164 -12.35 -14.92 -8.09
CA SER A 164 -11.83 -16.03 -7.31
C SER A 164 -12.24 -17.34 -7.99
N ARG A 165 -11.58 -18.42 -7.62
CA ARG A 165 -11.91 -19.72 -8.19
C ARG A 165 -13.37 -20.05 -7.88
N ARG A 166 -13.73 -19.90 -6.61
CA ARG A 166 -15.08 -20.22 -6.16
C ARG A 166 -16.14 -19.44 -6.94
N ALA A 167 -15.87 -18.17 -7.22
CA ALA A 167 -16.82 -17.33 -7.94
C ALA A 167 -16.87 -17.67 -9.43
N GLU A 168 -15.83 -18.32 -9.92
CA GLU A 168 -15.78 -18.72 -11.33
C GLU A 168 -16.37 -20.09 -11.58
N ASN A 169 -16.50 -20.89 -10.52
CA ASN A 169 -17.05 -22.24 -10.64
C ASN A 169 -18.33 -22.37 -9.82
N GLY A 170 -18.93 -21.23 -9.49
CA GLY A 170 -20.16 -21.21 -8.72
C GLY A 170 -20.20 -22.05 -7.45
N GLU A 171 -19.06 -22.19 -6.77
CA GLU A 171 -19.04 -22.88 -5.48
C GLU A 171 -19.56 -21.91 -4.41
N GLU A 172 -19.61 -22.35 -3.17
CA GLU A 172 -19.95 -21.42 -2.11
C GLU A 172 -18.98 -20.24 -2.20
N PRO A 173 -19.50 -19.01 -2.17
CA PRO A 173 -18.65 -17.83 -2.30
C PRO A 173 -17.61 -17.73 -1.17
N ILE A 174 -16.55 -16.98 -1.42
CA ILE A 174 -15.57 -16.71 -0.38
C ILE A 174 -16.24 -16.05 0.80
N LYS A 175 -16.02 -16.60 2.00
CA LYS A 175 -16.57 -15.98 3.19
C LYS A 175 -15.84 -14.67 3.48
N GLU A 176 -16.61 -13.62 3.75
CA GLU A 176 -16.07 -12.26 3.89
C GLU A 176 -16.07 -11.77 5.34
N HIS A 177 -14.88 -11.52 5.87
CA HIS A 177 -14.73 -10.95 7.22
C HIS A 177 -14.17 -9.54 7.14
N LEU A 178 -14.84 -8.61 7.81
CA LEU A 178 -14.32 -7.26 7.87
C LEU A 178 -13.41 -7.11 9.08
N LEU A 179 -12.20 -6.60 8.86
CA LEU A 179 -11.29 -6.27 9.96
C LEU A 179 -10.87 -4.81 9.87
N LEU A 180 -11.49 -4.02 10.75
CA LEU A 180 -11.15 -2.62 10.91
C LEU A 180 -9.82 -2.48 11.68
N THR A 181 -8.87 -1.73 11.10
CA THR A 181 -7.57 -1.58 11.73
C THR A 181 -7.24 -0.11 11.91
N ARG A 182 -6.30 0.17 12.81
CA ARG A 182 -5.91 1.55 13.08
C ARG A 182 -7.13 2.39 13.45
N TYR A 183 -8.08 1.78 14.14
CA TYR A 183 -9.26 2.47 14.65
C TYR A 183 -8.91 3.47 15.78
N ASN A 184 -9.13 4.75 15.53
CA ASN A 184 -8.79 5.79 16.48
C ASN A 184 -10.07 6.45 17.00
N PRO A 185 -10.60 5.96 18.14
CA PRO A 185 -11.93 6.41 18.62
C PRO A 185 -12.03 7.92 18.82
N GLY A 186 -10.95 8.56 19.28
CA GLY A 186 -10.89 10.01 19.33
C GLY A 186 -11.20 10.58 17.96
N ARG A 187 -10.40 10.20 16.98
CA ARG A 187 -10.61 10.70 15.63
C ARG A 187 -12.02 10.43 15.16
N VAL A 188 -12.57 9.27 15.53
CA VAL A 188 -13.93 8.96 15.13
C VAL A 188 -14.96 9.89 15.73
N SER A 189 -14.81 10.25 17.01
CA SER A 189 -15.82 11.12 17.59
C SER A 189 -15.71 12.54 17.04
N ARG A 190 -14.51 12.92 16.58
CA ARG A 190 -14.34 14.23 15.96
C ARG A 190 -14.67 14.22 14.45
N GLY A 191 -15.24 13.11 13.99
CA GLY A 191 -15.84 13.02 12.66
C GLY A 191 -14.88 12.90 11.47
N ASP A 192 -13.61 12.64 11.76
CA ASP A 192 -12.60 12.50 10.71
C ASP A 192 -12.44 11.05 10.24
N MET A 193 -12.81 10.09 11.09
CA MET A 193 -12.79 8.69 10.69
C MET A 193 -14.22 8.19 10.76
N LEU A 194 -14.53 7.20 9.93
CA LEU A 194 -15.85 6.59 9.94
C LEU A 194 -16.01 5.71 11.19
N SER A 195 -17.11 5.86 11.88
CA SER A 195 -17.38 4.97 12.99
C SER A 195 -17.41 3.53 12.49
N MET A 196 -17.12 2.60 13.37
CA MET A 196 -17.42 1.19 13.14
C MET A 196 -18.75 0.99 12.41
N GLU A 197 -19.81 1.59 12.95
CA GLU A 197 -21.15 1.51 12.33
C GLU A 197 -21.17 2.07 10.91
N ASP A 198 -20.55 3.23 10.73
CA ASP A 198 -20.51 3.86 9.44
C ASP A 198 -19.99 2.89 8.37
N VAL A 199 -18.85 2.28 8.67
CA VAL A 199 -18.23 1.35 7.73
C VAL A 199 -19.06 0.12 7.49
N LEU A 200 -19.66 -0.41 8.56
CA LEU A 200 -20.56 -1.56 8.43
C LEU A 200 -21.72 -1.31 7.46
N GLU A 201 -22.29 -0.11 7.48
CA GLU A 201 -23.37 0.25 6.55
C GLU A 201 -22.89 0.16 5.10
N ILE A 202 -21.71 0.74 4.87
CA ILE A 202 -21.08 0.73 3.55
C ILE A 202 -20.66 -0.65 3.07
N LEU A 203 -19.93 -1.40 3.89
CA LEU A 203 -19.34 -2.64 3.41
C LEU A 203 -20.31 -3.80 3.51
N ARG A 204 -20.93 -3.96 4.67
CA ARG A 204 -22.04 -4.89 4.72
C ARG A 204 -21.63 -6.33 4.77
N ILE A 205 -20.64 -6.59 5.60
CA ILE A 205 -20.16 -7.94 5.76
C ILE A 205 -19.97 -8.02 7.24
N LYS A 206 -19.78 -9.24 7.73
CA LYS A 206 -19.68 -9.39 9.16
C LYS A 206 -18.31 -8.92 9.66
N LEU A 207 -18.34 -8.16 10.74
CA LEU A 207 -17.14 -7.67 11.38
C LEU A 207 -16.53 -8.84 12.13
N VAL A 208 -15.25 -9.11 11.88
CA VAL A 208 -14.51 -10.14 12.60
C VAL A 208 -13.58 -9.52 13.65
N GLY A 209 -13.20 -8.27 13.46
CA GLY A 209 -12.29 -7.61 14.39
C GLY A 209 -12.18 -6.10 14.20
N VAL A 210 -11.75 -5.42 15.25
CA VAL A 210 -11.44 -4.01 15.20
C VAL A 210 -10.12 -3.84 15.94
N ILE A 211 -9.10 -3.37 15.24
CA ILE A 211 -7.81 -3.22 15.87
C ILE A 211 -7.54 -1.76 16.13
N PRO A 212 -7.41 -1.38 17.41
CA PRO A 212 -7.22 0.04 17.73
C PRO A 212 -5.89 0.53 17.21
N GLU A 213 -5.83 1.80 16.81
CA GLU A 213 -4.56 2.44 16.54
C GLU A 213 -3.75 2.29 17.82
N ASP A 214 -2.51 1.84 17.70
CA ASP A 214 -1.72 1.43 18.87
C ASP A 214 -0.22 1.53 18.62
N GLN A 215 0.47 2.31 19.45
CA GLN A 215 1.92 2.45 19.33
C GLN A 215 2.67 1.12 19.50
N SER A 216 2.02 0.11 20.08
CA SER A 216 2.68 -1.17 20.28
C SER A 216 3.00 -1.88 18.95
N VAL A 217 2.20 -1.61 17.92
CA VAL A 217 2.39 -2.27 16.63
C VAL A 217 3.74 -1.96 16.00
N LEU A 218 4.10 -0.69 15.87
CA LEU A 218 5.45 -0.39 15.39
C LEU A 218 6.49 -1.05 16.28
N ARG A 219 6.24 -1.08 17.59
CA ARG A 219 7.21 -1.76 18.45
C ARG A 219 7.30 -3.24 18.15
N ALA A 220 6.13 -3.89 18.00
CA ALA A 220 6.11 -5.29 17.63
C ALA A 220 6.92 -5.54 16.35
N SER A 221 6.67 -4.70 15.34
CA SER A 221 7.38 -4.78 14.06
CA SER A 221 7.38 -4.81 14.06
C SER A 221 8.90 -4.72 14.25
N ASN A 222 9.37 -3.64 14.86
CA ASN A 222 10.81 -3.46 15.07
C ASN A 222 11.48 -4.64 15.76
N GLN A 223 10.75 -5.23 16.71
CA GLN A 223 11.20 -6.39 17.46
C GLN A 223 11.11 -7.67 16.59
N GLY A 224 10.30 -7.60 15.53
CA GLY A 224 9.94 -8.81 14.80
C GLY A 224 9.10 -9.76 15.64
N GLU A 225 8.25 -9.22 16.52
CA GLU A 225 7.39 -10.03 17.38
C GLU A 225 5.96 -9.68 17.09
N PRO A 226 5.22 -10.56 16.46
CA PRO A 226 3.83 -10.19 16.14
C PRO A 226 3.12 -9.62 17.35
N VAL A 227 2.40 -8.50 17.16
CA VAL A 227 1.86 -7.73 18.28
C VAL A 227 1.04 -8.58 19.27
N ILE A 228 0.37 -9.63 18.78
CA ILE A 228 -0.47 -10.44 19.63
C ILE A 228 0.36 -11.02 20.78
N LEU A 229 1.65 -11.22 20.56
CA LEU A 229 2.50 -11.74 21.62
C LEU A 229 2.73 -10.75 22.75
N ASP A 230 2.44 -9.47 22.50
CA ASP A 230 2.51 -8.44 23.54
C ASP A 230 1.17 -8.47 24.30
N ILE A 231 1.17 -9.05 25.49
CA ILE A 231 -0.06 -9.32 26.20
C ILE A 231 -0.66 -8.06 26.83
N ASN A 232 0.12 -6.98 26.82
CA ASN A 232 -0.35 -5.71 27.38
C ASN A 232 -0.85 -4.71 26.31
N ALA A 233 -0.77 -5.12 25.06
CA ALA A 233 -1.15 -4.25 23.96
C ALA A 233 -2.64 -4.41 23.57
N ASP A 234 -3.39 -3.32 23.62
CA ASP A 234 -4.75 -3.34 23.10
C ASP A 234 -4.77 -3.98 21.70
N ALA A 235 -3.85 -3.57 20.81
CA ALA A 235 -3.87 -4.14 19.45
C ALA A 235 -3.76 -5.68 19.52
N GLY A 236 -2.79 -6.15 20.32
CA GLY A 236 -2.66 -7.57 20.58
C GLY A 236 -3.93 -8.25 21.10
N LYS A 237 -4.57 -7.62 22.07
CA LYS A 237 -5.78 -8.23 22.60
C LYS A 237 -6.85 -8.24 21.51
N ALA A 238 -6.91 -7.15 20.75
CA ALA A 238 -7.88 -7.02 19.68
C ALA A 238 -7.69 -8.16 18.68
N TYR A 239 -6.45 -8.54 18.44
CA TYR A 239 -6.16 -9.66 17.54
C TYR A 239 -6.55 -10.99 18.15
N ALA A 240 -6.27 -11.19 19.44
CA ALA A 240 -6.71 -12.40 20.13
C ALA A 240 -8.23 -12.54 20.04
N ASP A 241 -8.95 -11.43 20.22
CA ASP A 241 -10.40 -11.45 20.06
C ASP A 241 -10.78 -11.85 18.64
N THR A 242 -10.10 -11.28 17.65
CA THR A 242 -10.37 -11.60 16.25
C THR A 242 -10.25 -13.11 16.03
N VAL A 243 -9.19 -13.69 16.57
CA VAL A 243 -8.93 -15.12 16.40
C VAL A 243 -10.08 -15.92 17.02
N GLU A 244 -10.60 -15.42 18.13
CA GLU A 244 -11.74 -16.07 18.78
C GLU A 244 -12.93 -16.06 17.83
N ARG A 245 -13.23 -14.90 17.27
CA ARG A 245 -14.35 -14.79 16.34
C ARG A 245 -14.18 -15.69 15.13
N LEU A 246 -12.96 -15.75 14.59
CA LEU A 246 -12.68 -16.63 13.45
C LEU A 246 -12.94 -18.09 13.78
N LEU A 247 -12.83 -18.44 15.06
CA LEU A 247 -13.03 -19.80 15.51
C LEU A 247 -14.44 -20.04 16.07
N GLY A 248 -15.35 -19.11 15.81
CA GLY A 248 -16.75 -19.33 16.16
C GLY A 248 -17.20 -18.67 17.45
N GLU A 249 -16.27 -18.39 18.35
CA GLU A 249 -16.62 -17.72 19.60
C GLU A 249 -17.04 -16.29 19.32
N GLU A 250 -17.95 -15.78 20.15
CA GLU A 250 -18.37 -14.39 20.07
C GLU A 250 -17.70 -13.61 21.18
N ARG A 251 -17.33 -12.37 20.87
CA ARG A 251 -16.68 -11.49 21.82
C ARG A 251 -17.14 -10.09 21.52
N PRO A 252 -17.30 -9.26 22.56
CA PRO A 252 -17.66 -7.85 22.36
C PRO A 252 -16.45 -7.08 21.89
N PHE A 253 -16.67 -6.02 21.13
CA PHE A 253 -15.58 -5.27 20.53
C PHE A 253 -15.06 -4.19 21.46
N ARG A 254 -13.87 -4.39 22.01
CA ARG A 254 -13.32 -3.40 22.93
C ARG A 254 -12.51 -2.35 22.19
N PHE A 255 -11.97 -1.41 22.96
CA PHE A 255 -11.08 -0.37 22.43
C PHE A 255 -11.70 0.40 21.26
N ILE A 256 -13.02 0.32 21.13
CA ILE A 256 -13.71 1.13 20.13
C ILE A 256 -14.28 2.42 20.71
N GLU A 257 -14.30 2.55 22.03
CA GLU A 257 -14.81 3.77 22.62
C GLU A 257 -13.71 4.62 23.21
N GLU A 258 -14.02 5.91 23.32
CA GLU A 258 -13.11 6.90 23.85
C GLU A 258 -13.26 7.02 25.38
N ALA B 2 8.26 18.87 -19.38
CA ALA B 2 9.67 18.53 -19.47
C ALA B 2 10.11 17.68 -18.28
N ARG B 3 9.72 18.08 -17.06
CA ARG B 3 10.06 17.27 -15.89
C ARG B 3 8.93 16.28 -15.50
N ILE B 4 9.08 15.04 -15.93
CA ILE B 4 8.15 13.98 -15.58
C ILE B 4 8.61 13.37 -14.28
N ILE B 5 7.83 13.56 -13.22
CA ILE B 5 8.21 13.07 -11.89
C ILE B 5 7.23 12.02 -11.36
N VAL B 6 7.72 10.81 -11.16
CA VAL B 6 6.88 9.76 -10.58
C VAL B 6 6.95 9.81 -9.06
N VAL B 7 5.79 9.66 -8.42
CA VAL B 7 5.74 9.54 -6.97
C VAL B 7 5.50 8.10 -6.62
N THR B 8 6.54 7.47 -6.08
CA THR B 8 6.59 6.03 -5.94
C THR B 8 7.02 5.65 -4.52
N SER B 9 7.05 4.35 -4.23
CA SER B 9 7.39 3.88 -2.89
C SER B 9 7.56 2.39 -2.76
N GLY B 10 6.88 1.62 -3.60
CA GLY B 10 6.80 0.19 -3.40
C GLY B 10 5.90 -0.13 -2.24
N LYS B 11 6.33 0.24 -1.03
CA LYS B 11 5.54 0.00 0.17
C LYS B 11 4.15 0.67 0.07
N GLY B 12 3.10 -0.03 0.48
CA GLY B 12 1.77 0.53 0.36
C GLY B 12 1.48 1.57 1.43
N GLY B 13 0.56 2.50 1.14
CA GLY B 13 0.05 3.44 2.13
C GLY B 13 1.05 4.37 2.84
N VAL B 14 2.14 4.72 2.18
CA VAL B 14 3.11 5.64 2.80
C VAL B 14 2.76 7.11 2.56
N GLY B 15 1.88 7.38 1.61
CA GLY B 15 1.41 8.73 1.30
C GLY B 15 1.74 9.25 -0.09
N LYS B 16 1.76 8.37 -1.09
CA LYS B 16 2.12 8.77 -2.45
C LYS B 16 1.13 9.76 -3.01
N THR B 17 -0.14 9.48 -2.81
CA THR B 17 -1.20 10.29 -3.38
C THR B 17 -1.34 11.62 -2.68
N THR B 18 -1.20 11.58 -1.36
CA THR B 18 -1.14 12.80 -0.55
C THR B 18 -0.05 13.68 -1.14
N SER B 19 1.10 13.08 -1.38
CA SER B 19 2.26 13.81 -1.81
C SER B 19 2.08 14.31 -3.21
N SER B 20 1.55 13.45 -4.08
CA SER B 20 1.34 13.84 -5.47
C SER B 20 0.44 15.05 -5.58
N ALA B 21 -0.68 15.01 -4.87
CA ALA B 21 -1.64 16.10 -4.91
C ALA B 21 -0.98 17.37 -4.37
N ALA B 22 -0.33 17.26 -3.22
CA ALA B 22 0.28 18.43 -2.59
C ALA B 22 1.36 19.03 -3.47
N ILE B 23 2.19 18.17 -4.05
CA ILE B 23 3.36 18.67 -4.75
C ILE B 23 2.94 19.27 -6.06
N ALA B 24 2.00 18.60 -6.73
CA ALA B 24 1.49 19.08 -7.99
C ALA B 24 0.84 20.44 -7.83
N THR B 25 0.20 20.64 -6.68
CA THR B 25 -0.46 21.90 -6.38
C THR B 25 0.56 23.00 -6.09
N GLY B 26 1.60 22.67 -5.35
CA GLY B 26 2.65 23.63 -5.05
C GLY B 26 3.34 24.12 -6.31
N LEU B 27 3.65 23.19 -7.22
CA LEU B 27 4.27 23.56 -8.47
C LEU B 27 3.39 24.55 -9.22
N ALA B 28 2.14 24.18 -9.46
CA ALA B 28 1.22 25.07 -10.15
C ALA B 28 1.11 26.42 -9.45
N GLN B 29 1.21 26.43 -8.11
CA GLN B 29 1.07 27.67 -7.37
C GLN B 29 2.25 28.59 -7.64
N LYS B 30 3.37 27.98 -8.02
CA LYS B 30 4.57 28.71 -8.36
C LYS B 30 4.57 29.11 -9.85
N GLY B 31 3.43 28.95 -10.51
CA GLY B 31 3.28 29.37 -11.89
C GLY B 31 3.68 28.34 -12.93
N LYS B 32 4.13 27.18 -12.47
CA LYS B 32 4.52 26.10 -13.37
C LYS B 32 3.30 25.30 -13.83
N LYS B 33 3.05 25.29 -15.14
CA LYS B 33 1.94 24.53 -15.68
C LYS B 33 2.13 23.04 -15.38
N THR B 34 1.17 22.45 -14.68
CA THR B 34 1.35 21.13 -14.10
C THR B 34 0.15 20.20 -14.32
N VAL B 35 0.43 18.96 -14.67
CA VAL B 35 -0.63 17.96 -14.68
C VAL B 35 -0.22 16.87 -13.75
N VAL B 36 -1.17 16.39 -12.95
CA VAL B 36 -0.91 15.27 -12.07
C VAL B 36 -1.80 14.13 -12.56
N ILE B 37 -1.17 12.97 -12.80
CA ILE B 37 -1.84 11.83 -13.40
C ILE B 37 -2.03 10.65 -12.45
N ASP B 38 -3.24 10.14 -12.38
CA ASP B 38 -3.50 8.93 -11.60
C ASP B 38 -3.11 7.66 -12.38
N PHE B 39 -1.99 7.06 -12.02
CA PHE B 39 -1.58 5.80 -12.60
C PHE B 39 -2.19 4.61 -11.88
N ALA B 40 -2.92 4.87 -10.81
CA ALA B 40 -3.40 3.79 -9.97
C ALA B 40 -4.69 3.25 -10.50
N ILE B 41 -4.67 2.63 -11.67
CA ILE B 41 -5.86 2.02 -12.25
C ILE B 41 -6.01 0.61 -11.63
N GLY B 42 -7.19 0.02 -11.38
CA GLY B 42 -8.48 0.54 -11.09
C GLY B 42 -8.84 0.74 -9.62
N LEU B 43 -7.87 1.15 -8.79
CA LEU B 43 -8.19 1.68 -7.47
C LEU B 43 -7.91 3.17 -7.43
N ARG B 44 -8.69 3.94 -8.17
CA ARG B 44 -8.42 5.37 -8.30
C ARG B 44 -8.66 6.15 -7.02
N ASN B 45 -7.83 7.15 -6.82
CA ASN B 45 -7.83 7.88 -5.56
C ASN B 45 -7.44 9.36 -5.71
N LEU B 46 -6.62 9.68 -6.70
CA LEU B 46 -6.16 11.06 -6.93
C LEU B 46 -7.32 12.05 -7.03
N ASP B 47 -8.35 11.70 -7.80
CA ASP B 47 -9.50 12.58 -7.99
C ASP B 47 -10.25 12.83 -6.67
N LEU B 48 -10.21 11.86 -5.77
CA LEU B 48 -10.80 12.06 -4.45
C LEU B 48 -10.00 13.06 -3.65
N ILE B 49 -8.69 12.88 -3.63
CA ILE B 49 -7.80 13.77 -2.87
C ILE B 49 -7.82 15.21 -3.38
N MET B 50 -7.87 15.41 -4.71
CA MET B 50 -7.90 16.74 -5.31
C MET B 50 -9.34 17.26 -5.29
N GLY B 51 -10.26 16.41 -4.86
CA GLY B 51 -11.63 16.84 -4.73
C GLY B 51 -12.31 17.27 -6.03
N CYS B 52 -12.00 16.57 -7.12
CA CYS B 52 -12.59 16.86 -8.43
C CYS B 52 -13.43 15.69 -8.93
N GLU B 53 -13.66 14.74 -8.04
CA GLU B 53 -14.45 13.54 -8.34
C GLU B 53 -15.66 13.76 -9.24
N ARG B 54 -16.49 14.72 -8.88
CA ARG B 54 -17.72 14.94 -9.61
C ARG B 54 -17.48 15.46 -10.99
N ARG B 55 -16.25 15.79 -11.33
CA ARG B 55 -16.02 16.34 -12.67
C ARG B 55 -15.32 15.33 -13.59
N VAL B 56 -15.05 14.15 -13.05
CA VAL B 56 -14.50 13.07 -13.84
C VAL B 56 -15.47 12.63 -14.92
N VAL B 57 -15.07 12.85 -16.17
CA VAL B 57 -15.86 12.48 -17.34
C VAL B 57 -15.19 11.32 -18.10
N TYR B 58 -13.92 11.52 -18.41
CA TYR B 58 -13.15 10.54 -19.15
C TYR B 58 -11.83 10.34 -18.44
N ASP B 59 -11.18 9.22 -18.70
CA ASP B 59 -9.96 8.91 -17.97
C ASP B 59 -8.76 8.49 -18.84
N PHE B 60 -7.67 8.16 -18.14
CA PHE B 60 -6.39 7.86 -18.74
C PHE B 60 -6.57 6.77 -19.79
N VAL B 61 -7.35 5.76 -19.44
CA VAL B 61 -7.61 4.66 -20.37
C VAL B 61 -8.46 5.10 -21.56
N ASN B 62 -9.53 5.84 -21.30
CA ASN B 62 -10.38 6.36 -22.38
C ASN B 62 -9.53 7.09 -23.40
N VAL B 63 -8.51 7.79 -22.93
CA VAL B 63 -7.70 8.59 -23.85
C VAL B 63 -6.81 7.66 -24.67
N ILE B 64 -6.16 6.73 -23.98
CA ILE B 64 -5.29 5.78 -24.65
C ILE B 64 -6.07 5.09 -25.76
N GLN B 65 -7.29 4.69 -25.43
CA GLN B 65 -8.11 3.89 -26.31
C GLN B 65 -8.86 4.68 -27.40
N GLY B 66 -8.55 5.97 -27.52
CA GLY B 66 -9.18 6.81 -28.53
C GLY B 66 -10.64 7.15 -28.27
N ASP B 67 -11.14 6.82 -27.08
CA ASP B 67 -12.51 7.15 -26.72
C ASP B 67 -12.71 8.60 -26.27
N ALA B 68 -11.62 9.32 -26.06
CA ALA B 68 -11.66 10.69 -25.62
C ALA B 68 -10.29 11.30 -25.85
N THR B 69 -10.25 12.61 -26.00
CA THR B 69 -9.00 13.33 -26.12
C THR B 69 -8.57 13.80 -24.73
N LEU B 70 -7.35 14.30 -24.62
CA LEU B 70 -6.91 14.93 -23.38
C LEU B 70 -7.85 16.06 -22.99
N ASN B 71 -8.16 16.93 -23.94
CA ASN B 71 -9.03 18.07 -23.70
C ASN B 71 -10.36 17.64 -23.05
N GLN B 72 -10.87 16.48 -23.44
CA GLN B 72 -12.08 15.97 -22.80
C GLN B 72 -11.82 15.34 -21.44
N ALA B 73 -10.63 14.75 -21.26
CA ALA B 73 -10.31 13.97 -20.05
C ALA B 73 -9.67 14.79 -18.94
N LEU B 74 -8.75 15.68 -19.29
CA LEU B 74 -8.10 16.55 -18.32
C LEU B 74 -9.13 17.34 -17.52
N ILE B 75 -8.99 17.34 -16.20
CA ILE B 75 -9.86 18.14 -15.36
C ILE B 75 -9.08 19.35 -14.90
N LYS B 76 -9.67 20.53 -15.07
CA LYS B 76 -9.02 21.73 -14.62
C LYS B 76 -9.21 21.86 -13.13
N ASP B 77 -8.13 22.10 -12.40
CA ASP B 77 -8.22 22.07 -10.95
C ASP B 77 -9.15 23.17 -10.48
N LYS B 78 -9.83 22.89 -9.37
CA LYS B 78 -10.80 23.77 -8.76
C LYS B 78 -10.19 25.05 -8.16
N ARG B 79 -9.01 24.97 -7.57
CA ARG B 79 -8.49 26.09 -6.78
C ARG B 79 -7.25 26.76 -7.31
N THR B 80 -6.45 26.03 -8.09
CA THR B 80 -5.13 26.52 -8.50
C THR B 80 -4.97 26.62 -10.00
N GLU B 81 -4.72 27.82 -10.48
CA GLU B 81 -4.38 28.03 -11.89
C GLU B 81 -3.24 27.13 -12.40
N ASN B 82 -3.22 26.89 -13.71
CA ASN B 82 -2.21 26.05 -14.37
C ASN B 82 -2.04 24.64 -13.76
N LEU B 83 -3.06 24.15 -13.08
CA LEU B 83 -3.03 22.78 -12.58
C LEU B 83 -4.13 21.95 -13.25
N TYR B 84 -3.76 20.76 -13.73
CA TYR B 84 -4.72 19.86 -14.33
C TYR B 84 -4.60 18.46 -13.75
N ILE B 85 -5.68 17.70 -13.84
CA ILE B 85 -5.72 16.38 -13.27
C ILE B 85 -6.13 15.40 -14.36
N LEU B 86 -5.39 14.31 -14.48
CA LEU B 86 -5.78 13.25 -15.40
C LEU B 86 -6.15 12.04 -14.57
N PRO B 87 -7.45 11.80 -14.40
CA PRO B 87 -7.88 10.75 -13.46
C PRO B 87 -7.69 9.36 -14.04
N ALA B 88 -7.68 8.36 -13.16
CA ALA B 88 -7.51 6.97 -13.58
C ALA B 88 -8.86 6.31 -13.88
N SER B 89 -8.81 5.26 -14.69
CA SER B 89 -9.99 4.51 -15.02
C SER B 89 -10.36 3.60 -13.85
N GLN B 90 -11.66 3.44 -13.61
CA GLN B 90 -12.11 2.50 -12.61
C GLN B 90 -11.96 1.08 -13.14
N THR B 91 -11.70 0.97 -14.44
CA THR B 91 -11.55 -0.37 -15.01
C THR B 91 -10.33 -1.02 -14.43
N ARG B 92 -10.39 -2.34 -14.41
CA ARG B 92 -9.27 -3.10 -13.96
C ARG B 92 -8.86 -3.90 -15.16
N ASP B 93 -7.58 -3.79 -15.48
CA ASP B 93 -7.09 -4.37 -16.69
C ASP B 93 -5.66 -3.94 -16.72
N LYS B 94 -4.78 -4.89 -16.47
CA LYS B 94 -3.37 -4.63 -16.28
C LYS B 94 -2.77 -3.99 -17.52
N ASP B 95 -3.22 -4.46 -18.68
CA ASP B 95 -2.69 -3.99 -19.96
C ASP B 95 -3.37 -2.70 -20.37
N ALA B 96 -4.49 -2.39 -19.72
CA ALA B 96 -5.26 -1.19 -20.06
C ALA B 96 -4.33 -0.04 -20.41
N LEU B 97 -3.36 0.22 -19.54
CA LEU B 97 -2.33 1.20 -19.85
C LEU B 97 -1.22 0.51 -20.61
N THR B 98 -0.95 0.98 -21.82
CA THR B 98 0.13 0.42 -22.62
C THR B 98 1.31 1.37 -22.64
N ARG B 99 2.50 0.83 -22.82
CA ARG B 99 3.69 1.67 -22.95
C ARG B 99 3.51 2.64 -24.09
N GLU B 100 2.97 2.14 -25.19
CA GLU B 100 2.79 2.96 -26.39
C GLU B 100 1.79 4.09 -26.12
N GLY B 101 0.63 3.71 -25.59
CA GLY B 101 -0.38 4.68 -25.17
C GLY B 101 0.16 5.71 -24.19
N VAL B 102 0.66 5.24 -23.05
CA VAL B 102 1.21 6.12 -22.05
C VAL B 102 2.21 7.08 -22.68
N ALA B 103 3.17 6.54 -23.44
CA ALA B 103 4.22 7.35 -24.06
C ALA B 103 3.62 8.48 -24.90
N LYS B 104 2.56 8.16 -25.61
CA LYS B 104 1.89 9.10 -26.47
C LYS B 104 1.21 10.22 -25.67
N VAL B 105 0.48 9.82 -24.63
CA VAL B 105 -0.11 10.78 -23.72
C VAL B 105 0.96 11.76 -23.21
N LEU B 106 2.07 11.22 -22.73
CA LEU B 106 3.14 12.07 -22.21
C LEU B 106 3.67 13.06 -23.27
N ASP B 107 3.77 12.58 -24.51
CA ASP B 107 4.20 13.43 -25.62
C ASP B 107 3.18 14.54 -25.83
N ASP B 108 1.91 14.17 -25.84
CA ASP B 108 0.83 15.14 -26.04
C ASP B 108 0.79 16.22 -24.94
N LEU B 109 1.06 15.82 -23.70
CA LEU B 109 1.03 16.78 -22.59
C LEU B 109 2.21 17.71 -22.70
N LYS B 110 3.36 17.15 -23.04
CA LYS B 110 4.52 17.99 -23.30
C LYS B 110 4.13 19.00 -24.37
N ALA B 111 3.33 18.54 -25.32
CA ALA B 111 2.90 19.37 -26.43
C ALA B 111 1.95 20.49 -26.01
N MET B 112 1.24 20.29 -24.91
CA MET B 112 0.39 21.35 -24.33
C MET B 112 1.22 22.25 -23.42
N ASP B 113 2.54 22.05 -23.45
CA ASP B 113 3.49 22.90 -22.71
C ASP B 113 3.41 22.74 -21.20
N PHE B 114 3.02 21.56 -20.76
CA PHE B 114 3.10 21.28 -19.34
C PHE B 114 4.58 21.22 -18.93
N GLU B 115 4.94 22.00 -17.90
CA GLU B 115 6.30 21.98 -17.39
C GLU B 115 6.51 20.77 -16.50
N PHE B 116 5.46 20.38 -15.78
CA PHE B 116 5.57 19.30 -14.82
C PHE B 116 4.46 18.28 -15.01
N ILE B 117 4.85 17.01 -15.00
CA ILE B 117 3.89 15.93 -15.16
C ILE B 117 4.14 15.00 -13.99
N VAL B 118 3.28 15.10 -12.99
CA VAL B 118 3.45 14.35 -11.75
C VAL B 118 2.65 13.06 -11.85
N CYS B 119 3.33 11.94 -11.69
CA CYS B 119 2.70 10.64 -11.87
C CYS B 119 2.51 9.94 -10.53
N ASP B 120 1.26 9.79 -10.12
CA ASP B 120 0.95 9.18 -8.84
C ASP B 120 0.94 7.65 -8.99
N SER B 121 1.97 6.99 -8.46
CA SER B 121 2.10 5.54 -8.67
C SER B 121 1.27 4.69 -7.71
N PRO B 122 0.82 3.53 -8.18
CA PRO B 122 0.27 2.54 -7.27
C PRO B 122 1.37 1.95 -6.40
N ALA B 123 0.97 1.27 -5.33
CA ALA B 123 1.93 0.57 -4.50
C ALA B 123 2.50 -0.63 -5.27
N GLY B 124 3.51 -1.26 -4.70
CA GLY B 124 4.06 -2.48 -5.27
C GLY B 124 5.11 -2.20 -6.31
N ILE B 125 5.61 -3.29 -6.91
CA ILE B 125 6.58 -3.22 -7.98
C ILE B 125 6.14 -4.13 -9.12
N GLU B 126 4.84 -4.39 -9.19
CA GLU B 126 4.24 -5.03 -10.34
C GLU B 126 4.06 -4.02 -11.46
N THR B 127 3.34 -4.42 -12.51
CA THR B 127 3.33 -3.63 -13.73
C THR B 127 2.72 -2.24 -13.53
N GLY B 128 1.76 -2.15 -12.60
CA GLY B 128 1.16 -0.87 -12.28
C GLY B 128 2.21 0.19 -11.92
N ALA B 129 3.07 -0.13 -10.98
CA ALA B 129 4.07 0.82 -10.53
C ALA B 129 5.18 0.98 -11.56
N LEU B 130 5.46 -0.11 -12.29
CA LEU B 130 6.51 -0.06 -13.31
C LEU B 130 6.13 0.92 -14.42
N MET B 131 4.87 0.82 -14.86
CA MET B 131 4.34 1.72 -15.85
C MET B 131 4.51 3.17 -15.36
N ALA B 132 4.21 3.39 -14.08
CA ALA B 132 4.22 4.74 -13.53
C ALA B 132 5.62 5.36 -13.54
N LEU B 133 6.65 4.53 -13.44
CA LEU B 133 8.01 5.06 -13.30
C LEU B 133 8.82 4.90 -14.57
N TYR B 134 8.31 4.08 -15.49
CA TYR B 134 9.02 3.75 -16.72
C TYR B 134 9.52 4.98 -17.50
N PHE B 135 8.64 5.95 -17.74
CA PHE B 135 8.99 7.13 -18.51
C PHE B 135 9.44 8.29 -17.65
N ALA B 136 9.62 8.04 -16.36
CA ALA B 136 9.99 9.10 -15.44
C ALA B 136 11.33 9.73 -15.80
N ASP B 137 11.47 11.03 -15.55
CA ASP B 137 12.79 11.68 -15.58
C ASP B 137 13.32 11.73 -14.15
N GLU B 138 12.41 11.91 -13.21
CA GLU B 138 12.76 12.02 -11.81
C GLU B 138 11.80 11.16 -10.99
N ALA B 139 12.20 10.85 -9.77
CA ALA B 139 11.41 9.99 -8.93
C ALA B 139 11.44 10.53 -7.51
N ILE B 140 10.25 10.59 -6.92
CA ILE B 140 10.14 10.95 -5.52
C ILE B 140 9.83 9.70 -4.73
N ILE B 141 10.82 9.26 -3.98
CA ILE B 141 10.72 8.02 -3.24
C ILE B 141 10.07 8.33 -1.91
N THR B 142 8.79 7.98 -1.80
CA THR B 142 8.00 8.31 -0.63
C THR B 142 8.18 7.27 0.48
N THR B 143 8.71 7.71 1.61
CA THR B 143 9.17 6.78 2.62
C THR B 143 8.74 7.17 4.02
N ASN B 144 8.13 6.24 4.73
CA ASN B 144 7.90 6.37 6.15
C ASN B 144 9.16 5.95 6.86
N PRO B 145 9.46 6.57 8.00
CA PRO B 145 10.72 6.28 8.68
C PRO B 145 10.61 5.00 9.50
N GLU B 146 10.24 3.91 8.83
CA GLU B 146 10.16 2.60 9.44
C GLU B 146 10.88 1.59 8.56
N VAL B 147 11.41 0.55 9.17
CA VAL B 147 12.23 -0.44 8.46
C VAL B 147 11.64 -0.97 7.14
N SER B 148 10.38 -1.38 7.14
CA SER B 148 9.77 -1.89 5.91
C SER B 148 9.65 -0.83 4.80
N SER B 149 8.98 0.28 5.09
CA SER B 149 8.92 1.35 4.11
C SER B 149 10.31 1.56 3.55
N VAL B 150 11.27 1.61 4.46
CA VAL B 150 12.63 1.96 4.07
C VAL B 150 13.27 0.89 3.23
N ARG B 151 13.00 -0.35 3.55
CA ARG B 151 13.54 -1.42 2.74
C ARG B 151 12.96 -1.36 1.33
N ASP B 152 11.63 -1.23 1.26
CA ASP B 152 10.92 -1.23 -0.01
C ASP B 152 11.37 -0.06 -0.86
N SER B 153 11.66 1.05 -0.20
CA SER B 153 12.15 2.21 -0.91
C SER B 153 13.51 1.89 -1.54
N ASP B 154 14.34 1.17 -0.80
CA ASP B 154 15.66 0.79 -1.30
C ASP B 154 15.49 -0.06 -2.55
N ARG B 155 14.56 -0.99 -2.45
CA ARG B 155 14.28 -1.87 -3.57
C ARG B 155 13.79 -1.08 -4.79
N ILE B 156 12.94 -0.09 -4.54
CA ILE B 156 12.44 0.78 -5.61
C ILE B 156 13.59 1.43 -6.36
N LEU B 157 14.62 1.82 -5.63
CA LEU B 157 15.78 2.46 -6.24
C LEU B 157 16.45 1.51 -7.20
N GLY B 158 16.62 0.26 -6.79
CA GLY B 158 17.16 -0.75 -7.69
C GLY B 158 16.37 -0.80 -8.98
N ILE B 159 15.06 -0.86 -8.87
CA ILE B 159 14.19 -0.91 -10.03
C ILE B 159 14.28 0.34 -10.89
N LEU B 160 14.51 1.50 -10.26
CA LEU B 160 14.64 2.75 -10.99
C LEU B 160 15.86 2.73 -11.88
N ALA B 161 16.86 1.99 -11.43
CA ALA B 161 18.17 2.00 -12.07
C ALA B 161 18.34 0.81 -13.01
N SER B 162 17.25 0.10 -13.30
CA SER B 162 17.35 -1.07 -14.16
C SER B 162 16.16 -1.29 -15.09
N LYS B 163 14.98 -0.81 -14.71
CA LYS B 163 13.78 -1.12 -15.48
C LYS B 163 13.03 0.12 -15.98
N SER B 164 13.63 1.28 -15.82
CA SER B 164 13.10 2.49 -16.43
C SER B 164 13.63 2.60 -17.84
N ARG B 165 12.99 3.44 -18.65
CA ARG B 165 13.43 3.61 -20.02
C ARG B 165 14.88 4.10 -20.01
N ARG B 166 15.14 5.12 -19.21
CA ARG B 166 16.47 5.73 -19.16
C ARG B 166 17.54 4.70 -18.79
N ALA B 167 17.23 3.83 -17.83
CA ALA B 167 18.18 2.80 -17.40
C ALA B 167 18.36 1.69 -18.45
N GLU B 168 17.41 1.55 -19.36
CA GLU B 168 17.51 0.53 -20.40
C GLU B 168 18.19 1.06 -21.66
N ASN B 169 18.26 2.38 -21.80
CA ASN B 169 18.91 3.00 -22.95
C ASN B 169 20.14 3.81 -22.55
N GLY B 170 20.62 3.56 -21.34
CA GLY B 170 21.78 4.27 -20.83
C GLY B 170 21.75 5.78 -20.93
N GLU B 171 20.57 6.38 -20.81
CA GLU B 171 20.48 7.83 -20.74
C GLU B 171 20.85 8.26 -19.33
N GLU B 172 20.83 9.56 -19.07
CA GLU B 172 21.02 10.01 -17.69
C GLU B 172 20.00 9.30 -16.80
N PRO B 173 20.47 8.72 -15.70
CA PRO B 173 19.58 7.97 -14.82
C PRO B 173 18.46 8.84 -14.23
N ILE B 174 17.38 8.19 -13.81
CA ILE B 174 16.30 8.91 -13.16
C ILE B 174 16.84 9.62 -11.93
N LYS B 175 16.61 10.92 -11.83
CA LYS B 175 16.99 11.64 -10.64
C LYS B 175 16.15 11.20 -9.42
N GLU B 176 16.84 10.90 -8.32
CA GLU B 176 16.22 10.31 -7.15
C GLU B 176 16.06 11.31 -6.00
N HIS B 177 14.82 11.56 -5.59
CA HIS B 177 14.54 12.45 -4.46
C HIS B 177 13.90 11.65 -3.34
N LEU B 178 14.45 11.78 -2.15
CA LEU B 178 13.86 11.10 -1.00
C LEU B 178 12.84 12.04 -0.35
N LEU B 179 11.65 11.53 -0.09
CA LEU B 179 10.64 12.28 0.65
C LEU B 179 10.14 11.45 1.85
N LEU B 180 10.60 11.85 3.03
CA LEU B 180 10.21 11.22 4.27
C LEU B 180 8.84 11.76 4.67
N THR B 181 7.89 10.85 4.87
CA THR B 181 6.53 11.27 5.22
C THR B 181 6.11 10.63 6.53
N ARG B 182 5.11 11.22 7.18
CA ARG B 182 4.63 10.72 8.46
C ARG B 182 5.77 10.67 9.49
N TYR B 183 6.70 11.63 9.38
CA TYR B 183 7.79 11.77 10.34
C TYR B 183 7.27 12.22 11.73
N ASN B 184 7.40 11.33 12.71
CA ASN B 184 6.97 11.59 14.08
C ASN B 184 8.17 11.77 15.04
N PRO B 185 8.64 13.02 15.22
CA PRO B 185 9.87 13.24 16.00
C PRO B 185 9.85 12.64 17.41
N GLY B 186 8.74 12.71 18.12
CA GLY B 186 8.60 11.99 19.36
C GLY B 186 9.01 10.52 19.18
N ARG B 187 8.31 9.84 18.30
CA ARG B 187 8.60 8.43 18.04
C ARG B 187 10.07 8.24 17.73
N VAL B 188 10.64 9.15 16.94
CA VAL B 188 12.05 8.99 16.58
C VAL B 188 12.97 9.10 17.80
N SER B 189 12.69 10.02 18.70
CA SER B 189 13.59 10.13 19.85
C SER B 189 13.46 8.94 20.79
N ARG B 190 12.30 8.28 20.78
CA ARG B 190 12.12 7.07 21.57
C ARG B 190 12.59 5.80 20.83
N GLY B 191 13.21 6.02 19.67
CA GLY B 191 13.91 4.96 18.94
C GLY B 191 13.06 3.95 18.18
N ASP B 192 11.79 4.29 17.94
CA ASP B 192 10.87 3.43 17.23
C ASP B 192 10.82 3.75 15.74
N MET B 193 11.23 4.97 15.38
CA MET B 193 11.29 5.34 13.97
C MET B 193 12.71 5.71 13.71
N LEU B 194 13.14 5.46 12.49
CA LEU B 194 14.48 5.86 12.08
C LEU B 194 14.58 7.36 11.95
N SER B 195 15.63 7.94 12.52
CA SER B 195 15.87 9.36 12.34
C SER B 195 16.02 9.67 10.86
N MET B 196 15.76 10.93 10.49
CA MET B 196 16.09 11.43 9.17
C MET B 196 17.49 11.00 8.74
N GLU B 197 18.46 11.15 9.64
CA GLU B 197 19.85 10.74 9.39
C GLU B 197 19.98 9.25 9.16
N ASP B 198 19.37 8.46 10.03
CA ASP B 198 19.38 7.01 9.90
C ASP B 198 18.96 6.58 8.48
N VAL B 199 17.80 7.06 8.04
CA VAL B 199 17.31 6.72 6.70
C VAL B 199 18.28 7.17 5.61
N LEU B 200 18.78 8.39 5.73
CA LEU B 200 19.74 8.92 4.76
C LEU B 200 20.96 8.00 4.58
N GLU B 201 21.45 7.41 5.67
CA GLU B 201 22.59 6.51 5.57
C GLU B 201 22.24 5.31 4.72
N ILE B 202 21.01 4.82 4.89
CA ILE B 202 20.54 3.62 4.25
C ILE B 202 20.16 3.84 2.79
N LEU B 203 19.42 4.91 2.51
CA LEU B 203 18.93 5.12 1.14
C LEU B 203 19.95 5.84 0.27
N ARG B 204 20.50 6.94 0.77
CA ARG B 204 21.68 7.50 0.12
C ARG B 204 21.36 8.28 -1.11
N ILE B 205 20.30 9.06 -1.02
CA ILE B 205 19.88 9.89 -2.13
C ILE B 205 19.56 11.20 -1.48
N LYS B 206 19.43 12.24 -2.26
CA LYS B 206 19.26 13.54 -1.66
C LYS B 206 17.84 13.70 -1.14
N LEU B 207 17.74 14.22 0.07
CA LEU B 207 16.44 14.47 0.69
C LEU B 207 15.82 15.69 0.03
N VAL B 208 14.57 15.55 -0.42
CA VAL B 208 13.86 16.67 -1.03
C VAL B 208 12.81 17.21 -0.06
N GLY B 209 12.38 16.38 0.88
CA GLY B 209 11.38 16.81 1.85
C GLY B 209 11.19 15.86 3.02
N VAL B 210 10.66 16.41 4.11
CA VAL B 210 10.26 15.63 5.26
C VAL B 210 8.89 16.16 5.64
N ILE B 211 7.92 15.28 5.62
CA ILE B 211 6.56 15.65 5.96
C ILE B 211 6.21 15.10 7.35
N PRO B 212 5.98 16.01 8.29
CA PRO B 212 5.63 15.56 9.64
C PRO B 212 4.31 14.81 9.68
N GLU B 213 4.22 13.85 10.59
CA GLU B 213 2.94 13.22 10.88
C GLU B 213 2.05 14.37 11.32
N ASP B 214 0.85 14.44 10.75
CA ASP B 214 -0.01 15.61 10.95
C ASP B 214 -1.49 15.24 10.79
N GLN B 215 -2.29 15.53 11.81
CA GLN B 215 -3.73 15.33 11.73
C GLN B 215 -4.42 16.11 10.61
N SER B 216 -3.77 17.13 10.06
CA SER B 216 -4.40 17.94 9.02
C SER B 216 -4.54 17.15 7.73
N VAL B 217 -3.68 16.16 7.52
CA VAL B 217 -3.71 15.40 6.28
C VAL B 217 -5.02 14.62 6.07
N LEU B 218 -5.45 13.87 7.07
CA LEU B 218 -6.77 13.23 6.95
C LEU B 218 -7.85 14.30 6.75
N ARG B 219 -7.71 15.45 7.42
CA ARG B 219 -8.70 16.52 7.21
C ARG B 219 -8.70 17.02 5.77
N ALA B 220 -7.52 17.30 5.25
CA ALA B 220 -7.34 17.66 3.85
C ALA B 220 -8.05 16.64 2.94
N SER B 221 -7.77 15.36 3.16
CA SER B 221 -8.34 14.31 2.35
C SER B 221 -9.87 14.34 2.37
N ASN B 222 -10.45 14.32 3.57
CA ASN B 222 -11.91 14.34 3.70
C ASN B 222 -12.54 15.51 2.97
N GLN B 223 -11.88 16.65 3.03
CA GLN B 223 -12.32 17.87 2.36
C GLN B 223 -12.12 17.79 0.86
N GLY B 224 -11.25 16.89 0.43
CA GLY B 224 -10.72 16.91 -0.93
C GLY B 224 -9.89 18.14 -1.25
N GLU B 225 -9.18 18.66 -0.25
CA GLU B 225 -8.33 19.82 -0.44
C GLU B 225 -6.92 19.43 -0.13
N PRO B 226 -6.07 19.35 -1.17
CA PRO B 226 -4.69 18.93 -0.88
C PRO B 226 -4.09 19.72 0.31
N VAL B 227 -3.42 19.01 1.22
CA VAL B 227 -3.00 19.62 2.47
C VAL B 227 -2.20 20.94 2.32
N ILE B 228 -1.44 21.08 1.23
CA ILE B 228 -0.64 22.28 1.02
C ILE B 228 -1.52 23.55 1.01
N LEU B 229 -2.78 23.41 0.62
CA LEU B 229 -3.67 24.57 0.66
C LEU B 229 -4.06 25.00 2.07
N ASP B 230 -3.89 24.12 3.05
CA ASP B 230 -4.06 24.50 4.46
C ASP B 230 -2.80 25.20 4.94
N ILE B 231 -2.84 26.53 5.01
CA ILE B 231 -1.64 27.33 5.28
C ILE B 231 -1.18 27.25 6.73
N ASN B 232 -2.02 26.67 7.59
CA ASN B 232 -1.68 26.53 9.00
C ASN B 232 -1.13 25.14 9.35
N ALA B 233 -1.05 24.27 8.35
CA ALA B 233 -0.65 22.87 8.56
C ALA B 233 0.84 22.66 8.38
N ASP B 234 1.51 22.16 9.42
CA ASP B 234 2.91 21.77 9.27
C ASP B 234 3.12 20.89 8.02
N ALA B 235 2.26 19.87 7.82
CA ALA B 235 2.40 19.00 6.65
C ALA B 235 2.36 19.84 5.36
N GLY B 236 1.39 20.75 5.28
CA GLY B 236 1.30 21.64 4.14
C GLY B 236 2.54 22.49 3.95
N LYS B 237 3.06 23.07 5.03
CA LYS B 237 4.25 23.90 4.92
C LYS B 237 5.40 23.02 4.47
N ALA B 238 5.43 21.79 4.98
CA ALA B 238 6.51 20.89 4.63
C ALA B 238 6.49 20.60 3.13
N TYR B 239 5.28 20.51 2.59
CA TYR B 239 5.14 20.30 1.16
C TYR B 239 5.56 21.52 0.33
N ALA B 240 5.18 22.71 0.79
CA ALA B 240 5.61 23.93 0.15
C ALA B 240 7.14 24.01 0.12
N ASP B 241 7.78 23.63 1.23
CA ASP B 241 9.23 23.55 1.27
C ASP B 241 9.75 22.56 0.22
N THR B 242 9.13 21.39 0.17
CA THR B 242 9.53 20.38 -0.80
C THR B 242 9.49 20.93 -2.23
N VAL B 243 8.42 21.65 -2.56
CA VAL B 243 8.27 22.23 -3.88
C VAL B 243 9.40 23.24 -4.14
N GLU B 244 9.81 23.96 -3.11
CA GLU B 244 10.93 24.89 -3.22
C GLU B 244 12.19 24.11 -3.59
N ARG B 245 12.48 23.06 -2.83
CA ARG B 245 13.65 22.24 -3.12
C ARG B 245 13.62 21.66 -4.53
N LEU B 246 12.47 21.16 -4.97
CA LEU B 246 12.32 20.63 -6.32
C LEU B 246 12.64 21.68 -7.38
N LEU B 247 12.43 22.94 -7.04
CA LEU B 247 12.69 24.04 -7.98
C LEU B 247 14.05 24.70 -7.78
N GLY B 248 14.93 24.05 -7.03
CA GLY B 248 16.30 24.50 -6.92
C GLY B 248 16.63 25.29 -5.67
N GLU B 249 15.61 25.89 -5.06
CA GLU B 249 15.82 26.63 -3.82
C GLU B 249 16.20 25.68 -2.68
N GLU B 250 16.99 26.17 -1.75
CA GLU B 250 17.34 25.40 -0.56
C GLU B 250 16.54 25.92 0.61
N ARG B 251 16.13 25.02 1.49
CA ARG B 251 15.36 25.36 2.67
C ARG B 251 15.78 24.40 3.75
N PRO B 252 15.81 24.87 4.99
CA PRO B 252 16.12 23.98 6.12
C PRO B 252 14.90 23.13 6.41
N PHE B 253 15.10 21.95 7.00
CA PHE B 253 14.02 21.02 7.23
C PHE B 253 13.37 21.22 8.58
N ARG B 254 12.14 21.76 8.61
CA ARG B 254 11.50 22.02 9.89
C ARG B 254 10.69 20.81 10.36
N PHE B 255 10.01 20.99 11.48
CA PHE B 255 9.12 19.97 12.03
C PHE B 255 9.79 18.61 12.17
N ILE B 256 11.12 18.58 12.13
CA ILE B 256 11.84 17.33 12.38
C ILE B 256 12.26 17.20 13.86
N GLU B 257 12.18 18.28 14.61
CA GLU B 257 12.58 18.19 16.01
C GLU B 257 11.34 18.30 16.92
N GLU B 258 11.43 17.86 18.17
CA GLU B 258 10.22 17.86 18.99
C GLU B 258 10.13 19.03 19.95
MG MG C . 2.14 -6.07 3.60
PG ATP D . 1.40 -3.17 2.29
O1G ATP D . 1.29 -4.68 2.16
O2G ATP D . 2.80 -2.66 1.96
O3G ATP D . 0.31 -2.45 1.54
PB ATP D . 0.12 -3.67 4.86
O1B ATP D . 0.59 -5.10 4.96
O2B ATP D . -1.31 -3.44 4.42
O3B ATP D . 1.09 -2.82 3.86
PA ATP D . 1.48 -3.30 7.33
O1A ATP D . 2.80 -3.30 6.60
O2A ATP D . 1.05 -4.50 8.15
O3A ATP D . 0.32 -2.91 6.27
O5' ATP D . 1.43 -1.99 8.24
C5' ATP D . 1.44 -0.75 7.55
C4' ATP D . 1.65 0.38 8.54
O4' ATP D . 0.51 0.54 9.38
C3' ATP D . 2.82 0.10 9.45
O3' ATP D . 3.45 1.36 9.63
C2' ATP D . 2.19 -0.30 10.78
O2' ATP D . 2.94 0.09 11.93
C1' ATP D . 0.96 0.54 10.74
N9 ATP D . -0.09 -0.06 11.54
C8 ATP D . -0.83 -1.12 11.18
N7 ATP D . -1.74 -1.40 12.15
C5 ATP D . -1.55 -0.50 13.13
C6 ATP D . -2.16 -0.21 14.43
N6 ATP D . -3.17 -1.00 14.85
N1 ATP D . -1.68 0.82 15.16
C2 ATP D . -0.67 1.59 14.71
N3 ATP D . -0.07 1.39 13.53
C4 ATP D . -0.46 0.39 12.72
MG MG E . -2.30 6.12 -3.68
PG ATP F . -1.49 3.59 -1.66
O1G ATP F . -1.35 4.24 -3.01
O2G ATP F . -2.86 2.99 -1.41
O3G ATP F . -0.32 2.66 -1.40
PB ATP F . -0.49 6.12 -0.74
O1B ATP F . -1.00 6.88 -1.93
O2B ATP F . 0.95 5.66 -0.68
O3B ATP F . -1.40 4.78 -0.54
PA ATP F . -2.04 7.96 0.77
O1A ATP F . -3.24 7.22 0.25
O2A ATP F . -1.76 9.38 0.32
O3A ATP F . -0.75 7.00 0.58
O5' ATP F . -2.16 7.96 2.38
C5' ATP F . -2.16 6.70 3.09
C4' ATP F . -2.51 6.90 4.56
O4' ATP F . -1.47 7.64 5.23
C3' ATP F . -3.77 7.75 4.67
O3' ATP F . -4.48 7.34 5.84
C2' ATP F . -3.25 9.14 4.92
O2' ATP F . -4.23 9.91 5.59
C1' ATP F . -2.05 8.83 5.78
N9 ATP F . -1.02 9.88 5.73
C8 ATP F . -0.18 10.14 4.72
N7 ATP F . 0.66 11.17 5.03
C5 ATP F . 0.37 11.57 6.28
C6 ATP F . 0.88 12.60 7.22
N6 ATP F . 1.91 13.42 6.86
N1 ATP F . 0.28 12.69 8.44
C2 ATP F . -0.74 11.86 8.79
N3 ATP F . -1.25 10.89 8.01
C4 ATP F . -0.74 10.71 6.75
#